data_2QT1
#
_entry.id   2QT1
#
_cell.length_a   55.529
_cell.length_b   141.906
_cell.length_c   62.062
_cell.angle_alpha   90.000
_cell.angle_beta   90.000
_cell.angle_gamma   90.000
#
_symmetry.space_group_name_H-M   'C 2 2 21'
#
loop_
_entity.id
_entity.type
_entity.pdbx_description
1 polymer 'Nicotinamide riboside kinase 1'
2 non-polymer 'PHOSPHATE ION'
3 non-polymer 'Nicotinamide riboside'
4 non-polymer 'UNKNOWN ATOM OR ION'
5 water water
#
_entity_poly.entity_id   1
_entity_poly.type   'polypeptide(L)'
_entity_poly.pdbx_seq_one_letter_code
;(MSE)GSSHHHHHHSSGLVPRGSKTFIIGISGVTNSGKTTLAKNLQKHLPNCSVISQDDFFKPESEIETDKNGFLQYDVL
EALN(MSE)EK(MSE)(MSE)SAISCW(MSE)ESARHSVVSTDQESAEEIPILIIEGFLLFNYKPLDTIWNRSYFLTIPY
EECKRRRSTRVYQPPDSPGYFDGHVWP(MSE)YLKYRQE(MSE)QDITWEVVYLDGTKSEEDLFLQVYEDLIQEL
;
_entity_poly.pdbx_strand_id   A
#
# COMPACT_ATOMS: atom_id res chain seq x y z
N LEU A 14 36.33 -6.66 5.18
CA LEU A 14 34.86 -6.78 5.44
C LEU A 14 34.06 -6.02 4.36
N VAL A 15 32.87 -6.53 4.06
CA VAL A 15 31.95 -5.85 3.14
C VAL A 15 31.36 -4.63 3.86
N PRO A 16 31.59 -3.43 3.32
CA PRO A 16 31.01 -2.24 3.98
C PRO A 16 29.48 -2.31 4.20
N ARG A 17 29.06 -1.88 5.38
CA ARG A 17 27.64 -1.82 5.77
C ARG A 17 27.04 -0.45 5.47
N GLY A 18 25.71 -0.36 5.58
CA GLY A 18 24.99 0.89 5.40
C GLY A 18 24.11 0.91 4.18
N SER A 19 24.32 -0.02 3.23
CA SER A 19 23.63 0.06 1.93
C SER A 19 22.41 -0.86 1.86
N LYS A 20 22.34 -1.83 2.77
CA LYS A 20 21.20 -2.75 2.84
C LYS A 20 19.91 -2.05 3.38
N THR A 21 18.78 -2.41 2.77
CA THR A 21 17.45 -2.00 3.25
C THR A 21 16.52 -3.22 3.23
N PHE A 22 15.42 -3.16 3.98
CA PHE A 22 14.33 -4.17 3.95
C PHE A 22 13.02 -3.45 3.68
N ILE A 23 12.39 -3.79 2.58
CA ILE A 23 11.25 -3.05 2.10
C ILE A 23 10.04 -3.97 2.11
N ILE A 24 9.02 -3.49 2.78
CA ILE A 24 7.77 -4.20 2.91
CA ILE A 24 7.76 -4.18 2.96
C ILE A 24 6.68 -3.46 2.19
N GLY A 25 5.93 -4.18 1.38
CA GLY A 25 4.75 -3.70 0.70
C GLY A 25 3.47 -4.15 1.35
N ILE A 26 2.58 -3.22 1.66
CA ILE A 26 1.27 -3.54 2.16
C ILE A 26 0.28 -2.93 1.19
N SER A 27 -0.40 -3.78 0.42
CA SER A 27 -1.45 -3.30 -0.43
C SER A 27 -2.77 -3.98 -0.04
N GLY A 28 -3.79 -3.78 -0.85
CA GLY A 28 -5.07 -4.32 -0.51
C GLY A 28 -6.18 -3.42 -0.99
N VAL A 29 -7.38 -3.91 -0.96
CA VAL A 29 -8.50 -3.12 -1.28
C VAL A 29 -8.67 -1.89 -0.38
N THR A 30 -9.43 -0.90 -0.88
CA THR A 30 -9.82 0.29 -0.14
C THR A 30 -10.43 -0.08 1.19
N ASN A 31 -10.09 0.69 2.24
CA ASN A 31 -10.67 0.54 3.59
C ASN A 31 -10.43 -0.82 4.21
N SER A 32 -9.27 -1.40 3.99
CA SER A 32 -8.99 -2.71 4.53
C SER A 32 -8.02 -2.66 5.66
N GLY A 33 -7.61 -1.47 6.10
CA GLY A 33 -6.75 -1.37 7.26
C GLY A 33 -5.26 -1.26 6.97
N LYS A 34 -4.92 -0.82 5.76
CA LYS A 34 -3.53 -0.87 5.32
C LYS A 34 -2.74 0.14 6.10
N THR A 35 -3.27 1.34 6.25
CA THR A 35 -2.50 2.42 6.93
C THR A 35 -2.29 2.13 8.42
N THR A 36 -3.34 1.64 9.05
CA THR A 36 -3.28 1.25 10.47
C THR A 36 -2.28 0.09 10.70
N LEU A 37 -2.33 -0.90 9.80
CA LEU A 37 -1.36 -1.98 9.87
C LEU A 37 0.09 -1.45 9.75
N ALA A 38 0.33 -0.62 8.75
CA ALA A 38 1.65 -0.05 8.59
C ALA A 38 2.12 0.67 9.85
N LYS A 39 1.22 1.46 10.44
CA LYS A 39 1.60 2.21 11.63
C LYS A 39 1.82 1.31 12.85
N ASN A 40 1.04 0.23 12.95
CA ASN A 40 1.21 -0.66 14.08
C ASN A 40 2.52 -1.41 13.95
N LEU A 41 2.85 -1.83 12.71
CA LEU A 41 4.14 -2.49 12.49
C LEU A 41 5.31 -1.56 12.82
N GLN A 42 5.20 -0.35 12.31
CA GLN A 42 6.22 0.65 12.53
C GLN A 42 6.46 0.91 14.01
N LYS A 43 5.42 0.91 14.84
CA LYS A 43 5.61 1.10 16.28
C LYS A 43 6.43 -0.03 16.92
N HIS A 44 6.55 -1.15 16.22
CA HIS A 44 7.19 -2.35 16.78
C HIS A 44 8.41 -2.80 16.04
N LEU A 45 8.88 -1.94 15.12
CA LEU A 45 10.07 -2.26 14.34
C LEU A 45 11.08 -1.13 14.44
N PRO A 46 12.38 -1.48 14.56
CA PRO A 46 13.29 -0.34 14.75
C PRO A 46 13.69 0.31 13.42
N ASN A 47 14.01 1.58 13.50
CA ASN A 47 14.42 2.33 12.32
C ASN A 47 13.54 2.07 11.08
N CYS A 48 12.27 2.20 11.30
CA CYS A 48 11.24 1.91 10.33
C CYS A 48 10.50 3.18 9.90
N SER A 49 10.37 3.38 8.60
CA SER A 49 9.61 4.49 8.05
C SER A 49 8.40 3.97 7.25
N VAL A 50 7.40 4.80 7.02
CA VAL A 50 6.25 4.47 6.20
C VAL A 50 6.02 5.51 5.12
N ILE A 51 5.88 5.05 3.87
CA ILE A 51 5.46 5.89 2.79
C ILE A 51 4.06 5.43 2.37
N SER A 52 3.14 6.36 2.21
CA SER A 52 1.75 6.06 1.85
CA SER A 52 1.75 6.08 1.87
C SER A 52 1.44 6.52 0.43
N GLN A 53 0.96 5.59 -0.41
CA GLN A 53 0.61 5.89 -1.78
C GLN A 53 -0.35 7.05 -1.94
N ASP A 54 -1.29 7.17 -1.02
CA ASP A 54 -2.32 8.19 -1.14
C ASP A 54 -1.74 9.60 -1.03
N ASP A 55 -0.51 9.73 -0.58
CA ASP A 55 0.13 11.04 -0.62
C ASP A 55 0.57 11.47 -2.05
N PHE A 56 0.34 10.65 -3.09
CA PHE A 56 0.87 10.91 -4.42
C PHE A 56 -0.22 11.00 -5.48
N PHE A 57 -1.46 11.15 -5.07
CA PHE A 57 -2.50 11.37 -6.07
C PHE A 57 -2.26 12.66 -6.83
N LYS A 58 -2.57 12.65 -8.13
CA LYS A 58 -2.48 13.87 -8.94
C LYS A 58 -3.58 14.84 -8.53
N PRO A 59 -3.42 16.14 -8.87
CA PRO A 59 -4.52 17.09 -8.71
C PRO A 59 -5.75 16.69 -9.59
N GLU A 60 -6.97 17.07 -9.16
CA GLU A 60 -8.18 16.65 -9.85
C GLU A 60 -8.25 17.04 -11.35
N SER A 61 -7.58 18.14 -11.75
CA SER A 61 -7.53 18.56 -13.17
C SER A 61 -6.83 17.59 -14.08
N GLU A 62 -5.93 16.76 -13.51
CA GLU A 62 -5.20 15.76 -14.27
CA GLU A 62 -5.19 15.75 -14.24
C GLU A 62 -5.90 14.40 -14.21
N ILE A 63 -7.02 14.34 -13.46
CA ILE A 63 -7.80 13.11 -13.32
C ILE A 63 -8.87 13.10 -14.40
N GLU A 64 -8.92 12.00 -15.13
CA GLU A 64 -9.90 11.86 -16.23
C GLU A 64 -11.29 11.45 -15.68
N THR A 65 -12.36 11.70 -16.45
CA THR A 65 -13.71 11.20 -16.10
C THR A 65 -14.23 10.29 -17.21
N ASP A 66 -14.88 9.19 -16.84
CA ASP A 66 -15.38 8.23 -17.86
C ASP A 66 -16.74 8.68 -18.47
N LYS A 67 -17.28 7.81 -19.34
CA LYS A 67 -18.60 8.02 -20.00
C LYS A 67 -19.73 8.39 -19.04
N ASN A 68 -19.75 7.75 -17.87
CA ASN A 68 -20.83 7.89 -16.90
C ASN A 68 -20.56 8.98 -15.85
N GLY A 69 -19.46 9.72 -16.03
CA GLY A 69 -19.15 10.87 -15.19
C GLY A 69 -18.32 10.55 -13.96
N PHE A 70 -17.83 9.31 -13.87
CA PHE A 70 -17.01 8.89 -12.73
C PHE A 70 -15.55 9.33 -12.90
N LEU A 71 -15.02 10.00 -11.90
CA LEU A 71 -13.61 10.36 -11.91
C LEU A 71 -12.75 9.11 -11.80
N GLN A 72 -11.70 9.03 -12.62
CA GLN A 72 -10.84 7.86 -12.65
CA GLN A 72 -10.84 7.85 -12.66
C GLN A 72 -9.67 7.96 -11.66
N TYR A 73 -9.95 7.71 -10.39
CA TYR A 73 -8.96 7.75 -9.33
C TYR A 73 -8.29 6.42 -9.07
N ASP A 74 -8.94 5.30 -9.39
CA ASP A 74 -8.47 3.99 -8.88
C ASP A 74 -7.64 3.25 -9.93
N VAL A 75 -6.71 4.00 -10.53
CA VAL A 75 -5.88 3.51 -11.58
C VAL A 75 -4.49 4.19 -11.46
N LEU A 76 -3.43 3.55 -12.00
CA LEU A 76 -2.07 4.12 -11.84
C LEU A 76 -1.94 5.47 -12.46
N GLU A 77 -2.70 5.75 -13.50
CA GLU A 77 -2.65 7.07 -14.17
C GLU A 77 -3.08 8.22 -13.27
N ALA A 78 -3.75 7.92 -12.18
CA ALA A 78 -4.18 8.93 -11.24
C ALA A 78 -3.12 9.36 -10.21
N LEU A 79 -1.97 8.67 -10.22
CA LEU A 79 -0.93 8.83 -9.22
C LEU A 79 0.34 9.29 -9.88
N ASN A 80 1.05 10.17 -9.16
CA ASN A 80 2.38 10.60 -9.58
C ASN A 80 3.35 9.57 -9.04
N GLU A 82 6.19 8.65 -10.39
CA GLU A 82 7.55 9.18 -10.44
C GLU A 82 7.90 9.95 -9.14
N LYS A 83 6.97 10.75 -8.67
CA LYS A 83 7.15 11.43 -7.38
C LYS A 83 7.26 10.42 -6.23
N SER A 86 10.64 8.95 -6.26
CA SER A 86 11.59 9.93 -5.74
CA SER A 86 11.60 9.90 -5.75
C SER A 86 11.58 9.90 -4.21
N ALA A 87 10.39 9.77 -3.61
CA ALA A 87 10.27 9.66 -2.14
C ALA A 87 10.95 8.39 -1.59
N ILE A 88 10.76 7.28 -2.29
CA ILE A 88 11.47 6.06 -1.92
C ILE A 88 12.95 6.27 -1.97
N SER A 89 13.42 6.90 -3.02
CA SER A 89 14.84 7.16 -3.15
C SER A 89 15.34 8.07 -2.06
N CYS A 90 14.57 9.05 -1.68
CA CYS A 90 14.98 9.92 -0.59
CA CYS A 90 14.91 9.94 -0.59
C CYS A 90 15.09 9.16 0.72
N TRP A 91 14.13 8.26 1.02
CA TRP A 91 14.26 7.39 2.17
C TRP A 91 15.54 6.53 2.11
N GLU A 93 18.34 7.17 0.73
CA GLU A 93 19.54 8.03 0.99
C GLU A 93 19.69 8.32 2.49
N SER A 94 18.59 8.66 3.10
CA SER A 94 18.52 8.85 4.52
C SER A 94 18.88 7.58 5.27
N ALA A 95 18.38 6.45 4.79
CA ALA A 95 18.61 5.17 5.45
C ALA A 95 20.09 4.84 5.51
N ARG A 96 20.84 5.27 4.49
CA ARG A 96 22.26 4.99 4.43
C ARG A 96 23.04 5.69 5.49
N HIS A 97 22.46 6.73 6.11
CA HIS A 97 23.13 7.43 7.17
C HIS A 97 22.48 7.21 8.52
N SER A 98 21.49 6.31 8.60
CA SER A 98 20.71 6.14 9.81
C SER A 98 21.33 5.29 10.88
N VAL A 99 22.41 4.58 10.54
CA VAL A 99 23.11 3.71 11.49
C VAL A 99 24.59 4.13 11.49
N VAL A 100 25.05 4.62 12.62
CA VAL A 100 26.42 5.10 12.71
C VAL A 100 27.44 3.94 12.57
N SER A 101 28.58 4.21 11.95
CA SER A 101 29.55 3.17 11.62
C SER A 101 30.24 2.64 12.90
N THR A 102 30.42 1.33 12.96
CA THR A 102 31.14 0.67 14.04
C THR A 102 31.74 -0.63 13.53
N GLU A 108 24.26 -6.72 11.52
CA GLU A 108 23.91 -5.46 10.87
C GLU A 108 22.46 -5.05 11.18
N GLU A 109 22.28 -3.76 11.38
CA GLU A 109 20.97 -3.17 11.66
C GLU A 109 20.44 -2.59 10.35
N ILE A 110 19.45 -3.26 9.75
CA ILE A 110 19.03 -2.95 8.40
C ILE A 110 17.80 -2.09 8.45
N PRO A 111 17.89 -0.88 7.95
CA PRO A 111 16.75 0.01 7.94
C PRO A 111 15.53 -0.56 7.19
N ILE A 112 14.32 -0.20 7.67
CA ILE A 112 13.08 -0.75 7.16
C ILE A 112 12.22 0.34 6.61
N LEU A 113 11.68 0.08 5.43
CA LEU A 113 10.62 0.89 4.83
C LEU A 113 9.37 0.09 4.58
N ILE A 114 8.23 0.64 4.97
CA ILE A 114 6.96 0.05 4.67
C ILE A 114 6.33 1.00 3.66
N ILE A 115 5.94 0.48 2.50
CA ILE A 115 5.22 1.25 1.51
C ILE A 115 3.82 0.66 1.53
N GLU A 116 2.82 1.47 1.75
CA GLU A 116 1.45 1.01 1.88
C GLU A 116 0.58 1.76 0.92
N GLY A 117 -0.26 1.06 0.20
CA GLY A 117 -1.18 1.71 -0.75
C GLY A 117 -2.00 0.72 -1.51
N PHE A 118 -3.13 1.18 -1.98
CA PHE A 118 -4.11 0.36 -2.68
C PHE A 118 -3.69 -0.13 -4.05
N LEU A 119 -2.60 0.36 -4.61
CA LEU A 119 -2.28 0.08 -5.99
C LEU A 119 -0.79 -0.05 -6.23
N LEU A 120 -0.16 -0.97 -5.54
CA LEU A 120 1.32 -1.10 -5.57
C LEU A 120 1.86 -2.21 -6.41
N PHE A 121 1.14 -3.34 -6.45
CA PHE A 121 1.69 -4.58 -6.96
C PHE A 121 1.44 -4.82 -8.41
N ASN A 122 0.99 -3.81 -9.11
CA ASN A 122 0.89 -3.81 -10.56
C ASN A 122 1.82 -2.75 -11.16
N TYR A 123 2.62 -2.08 -10.32
CA TYR A 123 3.56 -1.07 -10.80
C TYR A 123 4.90 -1.69 -11.09
N LYS A 124 5.20 -1.88 -12.36
CA LYS A 124 6.30 -2.72 -12.73
C LYS A 124 7.69 -2.22 -12.32
N PRO A 125 7.93 -0.86 -12.34
CA PRO A 125 9.26 -0.42 -11.90
C PRO A 125 9.64 -0.86 -10.49
N LEU A 126 8.61 -1.16 -9.66
CA LEU A 126 8.82 -1.60 -8.26
C LEU A 126 8.72 -3.08 -8.04
N ASP A 127 8.59 -3.84 -9.12
CA ASP A 127 8.34 -5.30 -9.01
C ASP A 127 9.46 -6.06 -8.38
N THR A 128 10.63 -5.45 -8.24
CA THR A 128 11.77 -6.13 -7.62
C THR A 128 12.19 -5.46 -6.29
N ILE A 129 11.40 -4.49 -5.83
CA ILE A 129 11.73 -3.79 -4.59
C ILE A 129 11.30 -4.58 -3.34
N TRP A 130 10.28 -5.42 -3.48
CA TRP A 130 9.58 -5.95 -2.27
C TRP A 130 10.32 -7.11 -1.62
N ASN A 131 10.78 -6.96 -0.42
CA ASN A 131 11.32 -8.06 0.35
C ASN A 131 10.21 -8.86 1.02
N ARG A 132 9.09 -8.22 1.36
CA ARG A 132 7.89 -8.93 1.85
C ARG A 132 6.71 -8.16 1.28
N SER A 133 5.65 -8.88 1.01
CA SER A 133 4.46 -8.33 0.41
C SER A 133 3.25 -8.90 1.07
N TYR A 134 2.36 -8.03 1.54
CA TYR A 134 1.09 -8.38 2.14
C TYR A 134 -0.01 -7.72 1.42
N PHE A 135 -1.17 -8.35 1.44
CA PHE A 135 -2.30 -7.89 0.67
C PHE A 135 -3.56 -8.12 1.45
N LEU A 136 -4.21 -7.04 1.86
CA LEU A 136 -5.41 -7.11 2.68
C LEU A 136 -6.66 -7.21 1.85
N THR A 137 -7.51 -8.17 2.18
CA THR A 137 -8.71 -8.42 1.43
C THR A 137 -9.97 -8.34 2.28
N ILE A 138 -11.02 -7.78 1.71
CA ILE A 138 -12.35 -7.75 2.34
CA ILE A 138 -12.36 -7.75 2.34
CA ILE A 138 -12.34 -7.83 2.34
C ILE A 138 -13.35 -7.97 1.22
N PRO A 139 -14.43 -8.73 1.48
CA PRO A 139 -15.43 -8.96 0.43
C PRO A 139 -16.23 -7.70 0.07
N TYR A 140 -16.86 -7.77 -1.10
CA TYR A 140 -17.62 -6.67 -1.65
C TYR A 140 -18.52 -5.96 -0.63
N GLU A 141 -19.38 -6.71 0.06
CA GLU A 141 -20.39 -6.08 0.89
C GLU A 141 -19.77 -5.23 2.02
N GLU A 142 -18.85 -5.82 2.75
CA GLU A 142 -18.22 -5.11 3.86
C GLU A 142 -17.34 -3.95 3.37
N CYS A 143 -16.66 -4.16 2.26
CA CYS A 143 -15.86 -3.08 1.67
C CYS A 143 -16.73 -1.83 1.34
N LYS A 144 -17.88 -2.09 0.71
CA LYS A 144 -18.82 -1.03 0.37
C LYS A 144 -19.29 -0.33 1.63
N ARG A 145 -19.66 -1.09 2.65
CA ARG A 145 -20.08 -0.51 3.93
C ARG A 145 -19.01 0.39 4.52
N ARG A 146 -17.77 -0.10 4.59
CA ARG A 146 -16.70 0.67 5.19
C ARG A 146 -16.42 1.92 4.38
N ARG A 147 -16.43 1.77 3.05
CA ARG A 147 -16.15 2.89 2.16
C ARG A 147 -17.16 4.04 2.39
N SER A 148 -18.42 3.68 2.64
CA SER A 148 -19.48 4.68 2.88
CA SER A 148 -19.47 4.69 2.86
C SER A 148 -19.25 5.49 4.18
N THR A 149 -18.44 4.95 5.08
CA THR A 149 -18.13 5.65 6.34
C THR A 149 -17.00 6.70 6.21
N ARG A 150 -16.22 6.61 5.14
CA ARG A 150 -15.10 7.55 4.94
C ARG A 150 -15.51 8.71 4.03
N VAL A 151 -14.89 9.87 4.24
CA VAL A 151 -15.07 11.04 3.39
C VAL A 151 -13.78 11.26 2.57
N TYR A 152 -13.89 11.24 1.24
CA TYR A 152 -12.77 11.57 0.35
C TYR A 152 -12.92 13.00 -0.16
N GLN A 153 -11.82 13.55 -0.67
CA GLN A 153 -11.82 14.87 -1.29
C GLN A 153 -11.29 14.70 -2.72
N PRO A 154 -12.18 14.75 -3.75
CA PRO A 154 -13.62 14.99 -3.63
C PRO A 154 -14.36 13.77 -3.09
N PRO A 155 -15.59 13.95 -2.63
CA PRO A 155 -16.31 12.81 -2.10
C PRO A 155 -16.77 11.86 -3.19
N ASP A 156 -17.00 10.61 -2.79
CA ASP A 156 -17.60 9.60 -3.64
C ASP A 156 -18.95 10.09 -4.12
N SER A 157 -19.08 10.14 -5.43
CA SER A 157 -20.35 10.50 -5.99
CA SER A 157 -20.34 10.45 -6.06
C SER A 157 -21.32 9.37 -5.75
N PRO A 158 -22.60 9.66 -5.96
CA PRO A 158 -23.51 8.56 -5.91
C PRO A 158 -23.13 7.49 -6.93
N GLY A 159 -23.29 6.23 -6.55
CA GLY A 159 -22.90 5.08 -7.41
C GLY A 159 -21.40 4.86 -7.70
N TYR A 160 -20.53 5.56 -6.97
CA TYR A 160 -19.11 5.49 -7.24
C TYR A 160 -18.52 4.14 -6.88
N PHE A 161 -19.03 3.48 -5.84
CA PHE A 161 -18.43 2.18 -5.44
C PHE A 161 -18.62 1.12 -6.50
N ASP A 162 -19.86 0.97 -6.96
CA ASP A 162 -20.16 0.00 -8.00
C ASP A 162 -19.66 0.43 -9.36
N GLY A 163 -19.68 1.75 -9.63
CA GLY A 163 -19.40 2.23 -10.92
C GLY A 163 -17.92 2.38 -11.21
N HIS A 164 -17.09 2.47 -10.15
CA HIS A 164 -15.62 2.70 -10.31
C HIS A 164 -14.76 1.94 -9.34
N VAL A 165 -15.00 2.11 -8.05
CA VAL A 165 -14.05 1.57 -7.06
C VAL A 165 -13.94 0.03 -7.18
N TRP A 166 -15.06 -0.66 -7.14
CA TRP A 166 -15.00 -2.13 -7.19
C TRP A 166 -14.55 -2.66 -8.54
N PRO A 167 -15.12 -2.15 -9.66
CA PRO A 167 -14.58 -2.66 -10.89
C PRO A 167 -13.07 -2.45 -11.06
N TYR A 169 -10.82 -2.32 -8.58
CA TYR A 169 -10.21 -3.32 -7.69
C TYR A 169 -10.17 -4.70 -8.36
N LEU A 170 -11.26 -5.10 -9.00
CA LEU A 170 -11.26 -6.36 -9.70
C LEU A 170 -10.26 -6.39 -10.80
N LYS A 171 -10.11 -5.26 -11.51
CA LYS A 171 -9.07 -5.16 -12.56
C LYS A 171 -7.65 -5.36 -12.01
N TYR A 172 -7.40 -4.71 -10.88
CA TYR A 172 -6.14 -4.87 -10.16
C TYR A 172 -5.86 -6.30 -9.75
N ARG A 173 -6.84 -6.94 -9.14
CA ARG A 173 -6.68 -8.36 -8.83
C ARG A 173 -6.44 -9.21 -10.06
N GLN A 174 -7.08 -8.92 -11.19
CA GLN A 174 -6.73 -9.71 -12.38
CA GLN A 174 -6.75 -9.62 -12.45
C GLN A 174 -5.34 -9.35 -12.89
N GLU A 175 -4.92 -8.08 -12.80
CA GLU A 175 -3.55 -7.72 -13.14
C GLU A 175 -2.51 -8.50 -12.35
N GLN A 177 -2.70 -11.52 -11.48
CA GLN A 177 -2.79 -12.97 -11.77
C GLN A 177 -1.46 -13.55 -12.23
N ASP A 178 -0.66 -12.74 -12.90
CA ASP A 178 0.65 -13.20 -13.41
C ASP A 178 1.85 -12.62 -12.65
N ILE A 179 1.62 -12.28 -11.36
CA ILE A 179 2.63 -11.61 -10.53
C ILE A 179 3.93 -12.46 -10.43
N THR A 180 5.11 -11.82 -10.45
CA THR A 180 6.42 -12.50 -10.44
C THR A 180 7.10 -12.67 -9.03
N TRP A 181 6.37 -12.39 -7.96
CA TRP A 181 6.83 -12.68 -6.60
C TRP A 181 5.64 -13.11 -5.73
N GLU A 182 5.96 -13.67 -4.55
CA GLU A 182 4.94 -14.18 -3.63
C GLU A 182 4.29 -13.07 -2.84
N VAL A 183 2.97 -13.15 -2.68
CA VAL A 183 2.19 -12.24 -1.84
C VAL A 183 1.51 -13.01 -0.73
N VAL A 184 1.46 -12.48 0.46
CA VAL A 184 0.68 -13.06 1.54
C VAL A 184 -0.62 -12.28 1.61
N TYR A 185 -1.73 -12.99 1.39
CA TYR A 185 -3.06 -12.40 1.42
C TYR A 185 -3.63 -12.54 2.81
N LEU A 186 -4.19 -11.44 3.29
CA LEU A 186 -4.70 -11.28 4.67
C LEU A 186 -6.18 -11.04 4.69
N ASP A 187 -6.85 -11.51 5.75
CA ASP A 187 -8.28 -11.23 5.98
C ASP A 187 -8.44 -9.92 6.70
N GLY A 188 -8.80 -8.89 5.97
CA GLY A 188 -8.97 -7.58 6.56
C GLY A 188 -10.20 -7.40 7.48
N THR A 189 -11.00 -8.44 7.61
CA THR A 189 -12.09 -8.40 8.59
C THR A 189 -11.61 -8.75 9.99
N LYS A 190 -10.41 -9.34 10.09
CA LYS A 190 -9.82 -9.55 11.39
CA LYS A 190 -9.70 -9.52 11.36
C LYS A 190 -9.52 -8.21 12.07
N SER A 191 -9.37 -8.27 13.38
CA SER A 191 -9.14 -7.07 14.12
C SER A 191 -7.70 -6.52 13.83
N GLU A 192 -7.49 -5.26 14.10
CA GLU A 192 -6.23 -4.57 13.93
C GLU A 192 -5.10 -5.24 14.67
N GLU A 193 -5.33 -5.60 15.93
CA GLU A 193 -4.35 -6.36 16.72
C GLU A 193 -4.11 -7.75 16.13
N ASP A 194 -5.15 -8.42 15.68
CA ASP A 194 -4.99 -9.74 15.12
C ASP A 194 -4.08 -9.64 13.89
N LEU A 195 -4.36 -8.66 13.03
CA LEU A 195 -3.57 -8.49 11.83
C LEU A 195 -2.15 -8.10 12.12
N PHE A 196 -1.97 -7.20 13.09
CA PHE A 196 -0.62 -6.82 13.46
C PHE A 196 0.17 -8.03 13.89
N LEU A 197 -0.40 -8.83 14.79
CA LEU A 197 0.35 -9.98 15.31
C LEU A 197 0.63 -10.96 14.19
N GLN A 198 -0.35 -11.19 13.30
CA GLN A 198 -0.09 -12.15 12.20
C GLN A 198 1.10 -11.71 11.35
N VAL A 199 1.09 -10.44 10.95
CA VAL A 199 2.16 -9.92 10.11
C VAL A 199 3.48 -9.85 10.87
N TYR A 200 3.45 -9.40 12.12
CA TYR A 200 4.66 -9.29 12.87
C TYR A 200 5.28 -10.67 13.03
N GLU A 201 4.48 -11.66 13.31
CA GLU A 201 4.96 -13.05 13.42
C GLU A 201 5.63 -13.55 12.13
N ASP A 202 5.08 -13.15 11.01
CA ASP A 202 5.68 -13.50 9.70
C ASP A 202 6.94 -12.74 9.46
N LEU A 203 6.84 -11.45 9.69
CA LEU A 203 7.90 -10.53 9.30
C LEU A 203 9.16 -10.79 10.07
N ILE A 204 9.03 -11.10 11.35
CA ILE A 204 10.24 -11.22 12.20
C ILE A 204 11.04 -12.46 11.88
N GLN A 205 10.42 -13.37 11.13
CA GLN A 205 11.11 -14.50 10.54
C GLN A 205 11.77 -14.20 9.20
N GLU A 206 11.47 -13.05 8.60
CA GLU A 206 11.98 -12.67 7.28
CA GLU A 206 12.04 -12.72 7.31
C GLU A 206 13.15 -11.68 7.40
N LEU A 207 13.16 -10.93 8.51
CA LEU A 207 14.21 -9.97 8.80
C LEU A 207 15.46 -10.73 9.21
#